data_5IQL
#
_entry.id   5IQL
#
_cell.length_a   75.791
_cell.length_b   75.791
_cell.length_c   119.331
_cell.angle_alpha   90.000
_cell.angle_beta   90.000
_cell.angle_gamma   90.000
#
_symmetry.space_group_name_H-M   'I 4 2 2'
#
loop_
_entity.id
_entity.type
_entity.pdbx_description
1 polymer 'YEATS domain-containing protein 2'
2 polymer 'Histone H3.1'
3 water water
#
loop_
_entity_poly.entity_id
_entity_poly.type
_entity_poly.pdbx_seq_one_letter_code
_entity_poly.pdbx_strand_id
1 'polypeptide(L)'
;STSRLFVKKTIVVGNVSKYIPPDKREENDQSTHKWMVYVRGSRREPSINHFVKKVWFFLHPSYKPNDLVEVREPPFHLTR
RGWGEFPVRVQVHFKDSQNKRIDIIHNLKLDRTYTGLQTLGAETVVDVELHRH
;
A
2 'polypeptide(L)' AAR(KCR)SAPA B
#
# COMPACT_ATOMS: atom_id res chain seq x y z
N SER A 3 2.35 20.30 29.45
CA SER A 3 2.47 20.61 28.04
C SER A 3 1.83 19.53 27.19
N ARG A 4 1.42 19.90 25.99
CA ARG A 4 0.82 18.96 25.03
C ARG A 4 1.89 18.66 23.98
N LEU A 5 2.77 17.72 24.33
CA LEU A 5 3.98 17.42 23.56
C LEU A 5 3.73 16.31 22.55
N PHE A 6 4.24 16.51 21.34
CA PHE A 6 4.05 15.59 20.22
C PHE A 6 5.34 15.47 19.43
N VAL A 7 5.39 14.44 18.59
CA VAL A 7 6.45 14.29 17.60
C VAL A 7 5.82 13.98 16.26
N LYS A 8 6.36 14.58 15.19
CA LYS A 8 5.93 14.26 13.84
C LYS A 8 6.77 13.12 13.30
N LYS A 9 6.11 12.17 12.65
CA LYS A 9 6.78 11.06 11.99
C LYS A 9 6.19 10.92 10.59
N THR A 10 7.03 10.50 9.66
CA THR A 10 6.65 10.38 8.26
C THR A 10 6.15 8.97 7.98
N ILE A 11 5.03 8.86 7.28
CA ILE A 11 4.51 7.58 6.84
C ILE A 11 4.37 7.66 5.32
N VAL A 12 5.09 6.78 4.63
CA VAL A 12 5.06 6.67 3.18
C VAL A 12 4.24 5.44 2.82
N VAL A 13 3.19 5.65 2.04
CA VAL A 13 2.50 4.59 1.32
C VAL A 13 2.84 4.76 -0.14
N GLY A 14 3.47 3.73 -0.71
CA GLY A 14 3.83 3.73 -2.12
C GLY A 14 3.56 2.38 -2.73
N ASN A 15 3.74 2.30 -4.05
CA ASN A 15 3.64 0.99 -4.69
C ASN A 15 4.60 0.92 -5.86
N VAL A 16 5.00 -0.31 -6.16
CA VAL A 16 5.75 -0.65 -7.36
C VAL A 16 4.90 -1.65 -8.13
N SER A 17 5.32 -1.95 -9.35
CA SER A 17 4.65 -3.00 -10.11
C SER A 17 5.54 -3.38 -11.28
N LYS A 18 5.25 -4.54 -11.84
CA LYS A 18 5.86 -4.97 -13.08
C LYS A 18 4.77 -5.56 -13.96
N TYR A 19 4.95 -5.42 -15.28
CA TYR A 19 4.03 -6.01 -16.24
C TYR A 19 4.30 -7.51 -16.30
N ILE A 20 3.25 -8.27 -16.56
CA ILE A 20 3.35 -9.71 -16.76
C ILE A 20 3.00 -10.03 -18.22
N PRO A 21 3.98 -10.35 -19.04
CA PRO A 21 3.70 -10.66 -20.44
C PRO A 21 2.72 -11.81 -20.53
N PRO A 22 1.93 -11.87 -21.62
CA PRO A 22 1.00 -12.99 -21.78
C PRO A 22 1.67 -14.35 -21.69
N ASP A 23 2.94 -14.46 -22.08
CA ASP A 23 3.65 -15.73 -22.01
C ASP A 23 3.66 -16.30 -20.60
N LYS A 24 3.68 -15.43 -19.59
CA LYS A 24 3.88 -15.85 -18.22
C LYS A 24 2.60 -15.77 -17.39
N ARG A 25 1.46 -15.51 -18.01
CA ARG A 25 0.18 -15.57 -17.32
C ARG A 25 -0.41 -16.96 -17.46
N GLU A 26 -1.06 -17.45 -16.39
CA GLU A 26 -1.77 -18.70 -16.51
C GLU A 26 -3.09 -18.46 -17.24
N GLU A 27 -3.67 -19.56 -17.75
CA GLU A 27 -4.93 -19.48 -18.46
C GLU A 27 -6.04 -18.96 -17.54
N ASN A 28 -6.90 -18.10 -18.11
CA ASN A 28 -8.04 -17.50 -17.43
C ASN A 28 -7.64 -16.56 -16.30
N ASP A 29 -6.37 -16.14 -16.27
CA ASP A 29 -5.91 -15.10 -15.34
C ASP A 29 -5.97 -13.77 -16.07
N GLN A 30 -6.89 -12.91 -15.67
CA GLN A 30 -7.06 -11.59 -16.29
C GLN A 30 -6.04 -10.56 -15.81
N SER A 31 -5.04 -10.95 -15.02
CA SER A 31 -4.11 -9.99 -14.44
C SER A 31 -2.96 -9.73 -15.40
N THR A 32 -2.72 -8.45 -15.68
CA THR A 32 -1.61 -8.03 -16.52
C THR A 32 -0.40 -7.58 -15.71
N HIS A 33 -0.54 -7.43 -14.39
CA HIS A 33 0.49 -6.84 -13.56
C HIS A 33 0.57 -7.57 -12.25
N LYS A 34 1.72 -7.44 -11.60
CA LYS A 34 1.93 -7.86 -10.23
C LYS A 34 2.41 -6.63 -9.48
N TRP A 35 1.68 -6.22 -8.45
CA TRP A 35 2.04 -5.01 -7.73
C TRP A 35 2.31 -5.30 -6.26
N MET A 36 3.00 -4.36 -5.62
CA MET A 36 3.28 -4.42 -4.18
C MET A 36 3.05 -3.03 -3.59
N VAL A 37 2.15 -2.93 -2.64
CA VAL A 37 1.96 -1.70 -1.88
C VAL A 37 2.78 -1.80 -0.60
N TYR A 38 3.51 -0.74 -0.25
CA TYR A 38 4.30 -0.75 0.96
C TYR A 38 3.98 0.45 1.83
N VAL A 39 4.15 0.26 3.14
CA VAL A 39 3.91 1.27 4.15
C VAL A 39 5.16 1.31 5.00
N ARG A 40 5.79 2.48 5.09
CA ARG A 40 7.09 2.60 5.73
C ARG A 40 7.29 4.03 6.17
N GLY A 41 8.33 4.23 6.99
CA GLY A 41 8.76 5.57 7.39
C GLY A 41 9.79 6.11 6.43
N SER A 42 10.33 7.27 6.79
CA SER A 42 11.39 7.84 6.00
C SER A 42 12.74 7.25 6.40
N ARG A 43 13.68 7.29 5.45
CA ARG A 43 15.02 6.78 5.71
C ARG A 43 15.71 7.55 6.84
N ARG A 44 15.35 8.81 7.05
CA ARG A 44 16.08 9.72 7.91
C ARG A 44 15.46 9.89 9.29
N GLU A 45 14.48 9.05 9.64
CA GLU A 45 13.96 9.01 11.00
C GLU A 45 13.83 7.55 11.43
N PRO A 46 13.61 7.25 12.72
CA PRO A 46 13.61 5.84 13.15
C PRO A 46 12.55 5.00 12.45
N SER A 47 12.81 3.70 12.39
CA SER A 47 11.96 2.75 11.69
C SER A 47 10.59 2.65 12.36
N ILE A 48 9.57 2.30 11.57
CA ILE A 48 8.19 2.45 12.04
C ILE A 48 7.64 1.26 12.78
N ASN A 49 8.36 0.14 12.85
CA ASN A 49 7.95 -0.93 13.74
C ASN A 49 7.89 -0.46 15.20
N HIS A 50 8.65 0.59 15.55
CA HIS A 50 8.65 1.09 16.91
C HIS A 50 7.28 1.57 17.35
N PHE A 51 6.49 2.17 16.45
CA PHE A 51 5.22 2.78 16.86
C PHE A 51 3.99 2.24 16.15
N VAL A 52 4.13 1.55 15.02
CA VAL A 52 2.99 0.99 14.30
C VAL A 52 2.71 -0.41 14.83
N LYS A 53 1.47 -0.68 15.23
CA LYS A 53 1.08 -2.02 15.66
C LYS A 53 0.68 -2.90 14.47
N LYS A 54 -0.20 -2.40 13.61
CA LYS A 54 -0.62 -3.16 12.44
C LYS A 54 -1.10 -2.18 11.37
N VAL A 55 -1.24 -2.71 10.15
CA VAL A 55 -1.74 -1.98 9.00
C VAL A 55 -2.81 -2.82 8.34
N TRP A 56 -3.96 -2.21 8.07
CA TRP A 56 -5.02 -2.82 7.29
C TRP A 56 -5.01 -2.28 5.87
N PHE A 57 -5.16 -3.17 4.89
CA PHE A 57 -5.37 -2.80 3.49
C PHE A 57 -6.82 -3.09 3.11
N PHE A 58 -7.48 -2.10 2.51
CA PHE A 58 -8.85 -2.23 2.01
C PHE A 58 -8.78 -2.11 0.49
N LEU A 59 -9.10 -3.19 -0.23
CA LEU A 59 -8.96 -3.24 -1.68
C LEU A 59 -10.30 -3.10 -2.38
N HIS A 60 -10.24 -2.91 -3.69
CA HIS A 60 -11.43 -2.87 -4.54
C HIS A 60 -12.24 -4.16 -4.41
N PRO A 61 -13.57 -4.09 -4.52
CA PRO A 61 -14.38 -5.29 -4.33
C PRO A 61 -14.03 -6.42 -5.30
N SER A 62 -13.36 -6.12 -6.42
CA SER A 62 -12.93 -7.19 -7.32
C SER A 62 -12.01 -8.18 -6.62
N TYR A 63 -11.44 -7.83 -5.46
CA TYR A 63 -10.59 -8.72 -4.70
C TYR A 63 -11.33 -9.52 -3.64
N LYS A 64 -12.66 -9.44 -3.59
CA LYS A 64 -13.41 -10.22 -2.60
C LYS A 64 -13.25 -11.72 -2.87
N PRO A 65 -13.25 -12.54 -1.80
CA PRO A 65 -13.44 -12.19 -0.40
C PRO A 65 -12.15 -11.83 0.31
N ASN A 66 -11.11 -11.51 -0.46
CA ASN A 66 -9.79 -11.18 0.07
C ASN A 66 -9.47 -9.71 -0.14
N ASP A 67 -10.46 -8.85 0.07
CA ASP A 67 -10.28 -7.43 -0.16
C ASP A 67 -9.82 -6.70 1.09
N LEU A 68 -9.64 -7.42 2.19
CA LEU A 68 -9.34 -6.84 3.50
C LEU A 68 -8.17 -7.61 4.10
N VAL A 69 -6.98 -7.04 4.05
CA VAL A 69 -5.74 -7.72 4.42
C VAL A 69 -5.11 -7.02 5.62
N GLU A 70 -4.68 -7.81 6.60
CA GLU A 70 -4.04 -7.31 7.82
C GLU A 70 -2.60 -7.78 7.88
N VAL A 71 -1.66 -6.83 7.98
CA VAL A 71 -0.24 -7.16 8.17
C VAL A 71 0.15 -6.70 9.56
N ARG A 72 0.29 -7.64 10.49
CA ARG A 72 0.52 -7.31 11.89
C ARG A 72 1.99 -7.09 12.23
N GLU A 73 2.92 -7.54 11.38
CA GLU A 73 4.33 -7.46 11.70
C GLU A 73 5.11 -7.04 10.47
N PRO A 74 6.20 -6.28 10.64
CA PRO A 74 7.01 -5.77 9.54
C PRO A 74 7.60 -6.88 8.68
N PRO A 75 7.80 -6.64 7.39
CA PRO A 75 7.44 -5.43 6.62
C PRO A 75 5.94 -5.29 6.33
N PHE A 76 5.41 -4.07 6.34
CA PHE A 76 4.01 -3.84 6.05
C PHE A 76 3.86 -3.70 4.52
N HIS A 77 3.82 -4.87 3.86
CA HIS A 77 3.75 -4.98 2.40
C HIS A 77 2.55 -5.82 2.00
N LEU A 78 2.02 -5.55 0.81
CA LEU A 78 0.95 -6.34 0.22
C LEU A 78 1.25 -6.54 -1.25
N THR A 79 1.42 -7.78 -1.67
CA THR A 79 1.75 -8.12 -3.05
C THR A 79 0.58 -8.86 -3.70
N ARG A 80 0.13 -8.37 -4.86
CA ARG A 80 -1.04 -8.94 -5.52
C ARG A 80 -0.88 -8.82 -7.04
N ARG A 81 -1.44 -9.80 -7.76
CA ARG A 81 -1.64 -9.63 -9.20
C ARG A 81 -2.95 -8.90 -9.45
N GLY A 82 -2.99 -8.19 -10.58
CA GLY A 82 -4.15 -7.36 -10.89
C GLY A 82 -4.12 -6.87 -12.32
N TRP A 83 -5.21 -6.21 -12.70
CA TRP A 83 -5.29 -5.54 -14.00
C TRP A 83 -5.56 -4.05 -13.91
N GLY A 84 -5.94 -3.53 -12.73
CA GLY A 84 -6.46 -2.18 -12.66
C GLY A 84 -5.90 -1.33 -11.54
N GLU A 85 -5.98 -0.01 -11.75
CA GLU A 85 -5.63 0.99 -10.76
C GLU A 85 -6.90 1.42 -10.02
N PHE A 86 -6.75 1.72 -8.73
CA PHE A 86 -7.85 2.07 -7.85
C PHE A 86 -7.25 2.62 -6.56
N PRO A 87 -8.05 3.33 -5.75
CA PRO A 87 -7.52 3.88 -4.48
C PRO A 87 -7.41 2.77 -3.45
N VAL A 88 -6.19 2.50 -3.00
CA VAL A 88 -5.97 1.58 -1.88
C VAL A 88 -6.16 2.35 -0.59
N ARG A 89 -7.01 1.84 0.30
CA ARG A 89 -7.17 2.47 1.60
C ARG A 89 -6.32 1.73 2.64
N VAL A 90 -5.38 2.47 3.23
CA VAL A 90 -4.47 1.95 4.25
C VAL A 90 -4.89 2.52 5.59
N GLN A 91 -5.02 1.65 6.58
CA GLN A 91 -5.36 2.05 7.94
C GLN A 91 -4.22 1.64 8.84
N VAL A 92 -3.54 2.61 9.41
CA VAL A 92 -2.36 2.39 10.24
C VAL A 92 -2.80 2.48 11.69
N HIS A 93 -2.63 1.38 12.44
CA HIS A 93 -2.90 1.33 13.87
C HIS A 93 -1.59 1.42 14.64
N PHE A 94 -1.61 2.15 15.76
CA PHE A 94 -0.40 2.44 16.50
C PHE A 94 -0.34 1.63 17.79
N LYS A 95 0.88 1.26 18.19
CA LYS A 95 1.08 0.44 19.39
C LYS A 95 0.53 1.13 20.62
N ASP A 96 0.84 2.41 20.77
CA ASP A 96 0.26 3.24 21.83
C ASP A 96 -1.13 3.64 21.38
N SER A 97 -2.14 2.96 21.91
CA SER A 97 -3.52 3.25 21.53
C SER A 97 -3.94 4.69 21.85
N GLN A 98 -3.13 5.44 22.60
CA GLN A 98 -3.37 6.88 22.74
C GLN A 98 -3.40 7.56 21.37
N ASN A 99 -2.58 7.10 20.43
CA ASN A 99 -2.58 7.61 19.07
C ASN A 99 -3.68 6.91 18.28
N LYS A 100 -4.66 7.68 17.80
CA LYS A 100 -5.77 7.08 17.07
C LYS A 100 -5.32 6.68 15.66
N ARG A 101 -5.94 5.61 15.15
CA ARG A 101 -5.60 5.06 13.84
C ARG A 101 -5.87 6.09 12.75
N ILE A 102 -5.07 6.05 11.69
CA ILE A 102 -5.17 7.02 10.62
C ILE A 102 -5.38 6.31 9.29
N ASP A 103 -6.20 6.93 8.45
CA ASP A 103 -6.55 6.40 7.15
C ASP A 103 -5.75 7.15 6.09
N ILE A 104 -5.11 6.41 5.20
CA ILE A 104 -4.38 7.00 4.09
C ILE A 104 -4.91 6.36 2.82
N ILE A 105 -5.19 7.17 1.80
CA ILE A 105 -5.69 6.68 0.53
C ILE A 105 -4.55 6.77 -0.47
N HIS A 106 -4.21 5.64 -1.09
CA HIS A 106 -3.11 5.59 -2.04
C HIS A 106 -3.66 5.20 -3.41
N ASN A 107 -3.36 6.01 -4.42
CA ASN A 107 -3.80 5.77 -5.79
C ASN A 107 -2.80 4.83 -6.44
N LEU A 108 -3.17 3.56 -6.57
CA LEU A 108 -2.31 2.57 -7.19
C LEU A 108 -1.93 2.99 -8.60
N LYS A 109 -0.63 2.95 -8.92
CA LYS A 109 -0.13 3.29 -10.24
C LYS A 109 0.60 2.09 -10.82
N LEU A 110 0.16 1.62 -11.98
CA LEU A 110 0.68 0.42 -12.60
C LEU A 110 1.65 0.76 -13.71
N ASP A 111 2.62 -0.15 -13.94
CA ASP A 111 3.67 0.02 -14.93
C ASP A 111 3.09 0.20 -16.33
N ARG A 112 3.63 1.17 -17.08
CA ARG A 112 3.34 1.31 -18.49
C ARG A 112 4.54 1.12 -19.40
N THR A 113 5.72 0.76 -18.88
CA THR A 113 6.85 0.45 -19.75
C THR A 113 6.76 -0.93 -20.33
N TYR A 114 6.01 -1.84 -19.68
CA TYR A 114 5.63 -3.12 -20.24
C TYR A 114 6.84 -3.94 -20.67
N THR A 115 7.96 -3.79 -19.96
CA THR A 115 9.15 -4.61 -20.17
C THR A 115 9.18 -5.85 -19.30
N GLY A 116 8.32 -5.94 -18.29
CA GLY A 116 8.41 -7.02 -17.34
C GLY A 116 9.37 -6.78 -16.20
N LEU A 117 10.06 -5.65 -16.19
CA LEU A 117 10.84 -5.23 -15.05
C LEU A 117 9.97 -4.42 -14.10
N GLN A 118 10.35 -4.42 -12.82
CA GLN A 118 9.63 -3.70 -11.80
C GLN A 118 9.94 -2.21 -11.86
N THR A 119 8.91 -1.36 -11.84
CA THR A 119 9.10 0.08 -11.85
C THR A 119 8.35 0.72 -10.69
N LEU A 120 8.85 1.87 -10.26
CA LEU A 120 8.27 2.61 -9.16
C LEU A 120 6.99 3.29 -9.64
N GLY A 121 5.90 3.12 -8.90
CA GLY A 121 4.63 3.66 -9.35
C GLY A 121 4.25 5.02 -8.76
N ALA A 122 4.08 5.09 -7.44
CA ALA A 122 3.61 6.32 -6.80
C ALA A 122 3.94 6.28 -5.32
N GLU A 123 3.96 7.46 -4.69
CA GLU A 123 4.10 7.54 -3.22
C GLU A 123 3.16 8.59 -2.67
N THR A 124 2.54 8.25 -1.53
CA THR A 124 1.61 9.11 -0.81
C THR A 124 2.25 9.30 0.55
N VAL A 125 2.66 10.53 0.86
CA VAL A 125 3.44 10.82 2.05
C VAL A 125 2.57 11.63 3.00
N VAL A 126 2.51 11.20 4.28
CA VAL A 126 1.78 11.96 5.29
C VAL A 126 2.59 12.03 6.58
N ASP A 127 2.45 13.14 7.30
CA ASP A 127 2.99 13.26 8.64
C ASP A 127 1.94 12.85 9.65
N VAL A 128 2.35 12.03 10.62
CA VAL A 128 1.50 11.64 11.75
C VAL A 128 2.08 12.22 13.02
N GLU A 129 1.19 12.55 13.95
CA GLU A 129 1.56 13.04 15.27
C GLU A 129 1.44 11.91 16.28
N LEU A 130 2.48 11.71 17.07
CA LEU A 130 2.47 10.74 18.15
C LEU A 130 2.62 11.47 19.47
N HIS A 131 1.89 11.01 20.48
CA HIS A 131 2.02 11.59 21.81
C HIS A 131 3.42 11.29 22.36
N ARG A 132 3.99 12.27 23.05
CA ARG A 132 5.30 12.11 23.65
C ARG A 132 5.31 12.66 25.08
N ALA B 1 -19.67 4.54 -5.43
CA ALA B 1 -19.18 3.53 -6.38
C ALA B 1 -17.68 3.30 -6.19
N ALA B 2 -17.23 2.05 -6.25
CA ALA B 2 -15.80 1.74 -6.19
C ALA B 2 -15.30 1.51 -7.62
N ARG B 3 -14.46 2.42 -8.10
CA ARG B 3 -14.04 2.39 -9.50
C ARG B 3 -12.63 1.84 -9.66
N KCR B 4 -12.37 1.20 -10.79
CA KCR B 4 -11.07 0.65 -11.07
CB KCR B 4 -11.06 -0.76 -10.55
CG KCR B 4 -9.82 -1.56 -10.91
CD KCR B 4 -9.82 -2.85 -10.11
CE KCR B 4 -8.71 -3.81 -10.46
NZ KCR B 4 -9.05 -5.09 -9.94
CH KCR B 4 -8.15 -6.15 -10.10
OH KCR B 4 -7.10 -5.94 -10.68
CX KCR B 4 -8.51 -7.53 -9.55
CY KCR B 4 -7.63 -8.56 -9.69
CH3 KCR B 4 -7.96 -9.95 -9.17
C KCR B 4 -10.87 0.63 -12.56
O KCR B 4 -11.83 0.28 -13.28
N SER B 5 -9.67 0.94 -13.05
CA SER B 5 -9.50 0.99 -14.50
C SER B 5 -8.10 0.57 -14.95
N ALA B 6 -8.06 -0.08 -16.13
CA ALA B 6 -6.77 -0.53 -16.66
C ALA B 6 -6.05 0.64 -17.30
N PRO B 7 -4.79 0.88 -16.95
CA PRO B 7 -4.04 1.98 -17.58
C PRO B 7 -4.05 1.96 -19.09
N ALA B 8 -4.08 0.78 -19.70
CA ALA B 8 -4.01 0.68 -21.15
C ALA B 8 -5.26 0.00 -21.67
#